data_6N4A
#
_entry.id   6N4A
#
_cell.length_a   46.622
_cell.length_b   51.030
_cell.length_c   66.598
_cell.angle_alpha   94.390
_cell.angle_beta   106.130
_cell.angle_gamma   103.550
#
_symmetry.space_group_name_H-M   'P 1'
#
loop_
_entity.id
_entity.type
_entity.pdbx_description
1 polymer 'PII-like SbtB'
2 non-polymer 'PHOSPHATE ION'
3 water water
#
_entity_poly.entity_id   1
_entity_poly.type   'polypeptide(L)'
_entity_poly.pdbx_seq_one_letter_code
;SQQVWKLVIITEEILLKKVSKIIKEAGASGYTVLAAAGEGSRNVRSTGEPSVSHAYSNIKFEVLTASRELADQIQDKVVA
KYFDDYSCITYISTVEALRAHKF
;
_entity_poly.pdbx_strand_id   A,B,C,D,E,F
#
# COMPACT_ATOMS: atom_id res chain seq x y z
N GLN A 2 -6.61 17.66 15.02
CA GLN A 2 -5.54 17.85 14.03
C GLN A 2 -5.77 16.99 12.76
N GLN A 3 -6.27 15.77 12.95
CA GLN A 3 -6.53 14.84 11.84
C GLN A 3 -8.02 14.54 11.75
N VAL A 4 -8.59 14.62 10.54
CA VAL A 4 -9.99 14.25 10.35
C VAL A 4 -10.07 12.84 9.76
N TRP A 5 -11.04 12.07 10.24
CA TRP A 5 -11.27 10.70 9.82
C TRP A 5 -12.68 10.59 9.27
N LYS A 6 -12.83 9.77 8.23
CA LYS A 6 -14.13 9.51 7.59
C LYS A 6 -14.57 8.08 7.88
N LEU A 7 -15.77 7.93 8.39
CA LEU A 7 -16.30 6.61 8.69
C LEU A 7 -17.45 6.35 7.75
N VAL A 8 -17.39 5.20 7.09
CA VAL A 8 -18.41 4.78 6.16
C VAL A 8 -19.18 3.66 6.80
N ILE A 9 -20.49 3.74 6.73
CA ILE A 9 -21.38 2.67 7.16
C ILE A 9 -22.34 2.42 6.00
N ILE A 10 -22.30 1.24 5.43
CA ILE A 10 -23.20 0.87 4.35
C ILE A 10 -24.14 -0.19 4.87
N THR A 11 -25.44 0.09 4.85
CA THR A 11 -26.37 -0.77 5.56
C THR A 11 -27.75 -0.61 4.96
N GLU A 12 -28.68 -1.44 5.45
CA GLU A 12 -30.02 -1.50 4.87
C GLU A 12 -30.84 -0.26 5.20
N GLU A 13 -31.63 0.19 4.23
CA GLU A 13 -32.36 1.45 4.34
C GLU A 13 -33.22 1.51 5.59
N ILE A 14 -33.56 0.35 6.16
CA ILE A 14 -34.47 0.30 7.29
C ILE A 14 -33.85 0.86 8.57
N LEU A 15 -32.53 0.83 8.70
CA LEU A 15 -31.83 1.32 9.89
C LEU A 15 -31.52 2.81 9.83
N LEU A 16 -32.16 3.55 8.94
CA LEU A 16 -31.73 4.94 8.78
C LEU A 16 -31.93 5.74 10.06
N LYS A 17 -33.09 5.60 10.71
CA LYS A 17 -33.31 6.31 11.97
C LYS A 17 -32.36 5.80 13.06
N LYS A 18 -32.28 4.47 13.21
CA LYS A 18 -31.50 3.89 14.29
C LYS A 18 -30.02 4.19 14.15
N VAL A 19 -29.49 4.19 12.93
CA VAL A 19 -28.08 4.51 12.80
C VAL A 19 -27.87 6.00 12.94
N SER A 20 -28.77 6.80 12.37
CA SER A 20 -28.71 8.25 12.57
C SER A 20 -28.69 8.61 14.05
N LYS A 21 -29.41 7.84 14.88
CA LYS A 21 -29.46 8.15 16.32
C LYS A 21 -28.09 7.96 16.97
N ILE A 22 -27.48 6.79 16.76
CA ILE A 22 -26.14 6.54 17.26
C ILE A 22 -25.19 7.67 16.83
N ILE A 23 -25.25 8.03 15.54
CA ILE A 23 -24.31 9.04 15.05
C ILE A 23 -24.53 10.38 15.76
N LYS A 24 -25.79 10.80 15.91
CA LYS A 24 -26.08 12.05 16.59
C LYS A 24 -25.71 11.99 18.07
N GLU A 25 -26.13 10.93 18.76
CA GLU A 25 -25.85 10.84 20.20
C GLU A 25 -24.36 10.82 20.50
N ALA A 26 -23.50 10.54 19.52
CA ALA A 26 -22.08 10.60 19.76
C ALA A 26 -21.51 11.95 19.39
N GLY A 27 -22.33 12.84 18.83
CA GLY A 27 -21.93 14.21 18.56
C GLY A 27 -20.78 14.30 17.59
N ALA A 28 -21.07 14.09 16.31
CA ALA A 28 -20.05 14.11 15.26
C ALA A 28 -20.03 15.46 14.55
N SER A 29 -18.99 15.66 13.72
CA SER A 29 -18.84 16.88 12.93
C SER A 29 -19.92 17.03 11.85
N GLY A 30 -20.61 15.98 11.47
CA GLY A 30 -21.68 16.07 10.50
C GLY A 30 -21.65 14.88 9.56
N TYR A 31 -22.83 14.53 9.04
CA TYR A 31 -22.88 13.35 8.20
C TYR A 31 -23.74 13.60 6.97
N THR A 32 -23.51 12.74 5.98
CA THR A 32 -24.32 12.69 4.77
C THR A 32 -24.72 11.24 4.52
N VAL A 33 -25.85 11.07 3.84
CA VAL A 33 -26.39 9.76 3.52
C VAL A 33 -26.65 9.72 2.02
N LEU A 34 -26.31 8.60 1.40
CA LEU A 34 -26.50 8.43 -0.04
C LEU A 34 -27.23 7.13 -0.29
N ALA A 35 -28.25 7.18 -1.14
CA ALA A 35 -28.89 5.94 -1.60
C ALA A 35 -27.87 5.10 -2.35
N ALA A 36 -28.00 3.79 -2.21
CA ALA A 36 -27.05 2.91 -2.89
C ALA A 36 -27.65 1.52 -3.04
N ALA A 37 -27.03 0.73 -3.91
CA ALA A 37 -27.41 -0.66 -4.08
C ALA A 37 -26.14 -1.50 -3.97
N GLY A 38 -26.28 -2.74 -3.52
CA GLY A 38 -25.07 -3.52 -3.32
C GLY A 38 -25.21 -5.03 -3.25
N GLU A 39 -24.19 -5.71 -3.76
CA GLU A 39 -24.14 -7.17 -3.80
C GLU A 39 -22.73 -7.65 -3.45
N GLY A 40 -22.54 -8.96 -3.43
CA GLY A 40 -21.24 -9.54 -3.08
C GLY A 40 -20.03 -9.06 -3.88
N ALA A 55 -32.85 -1.76 -7.81
CA ALA A 55 -33.06 -0.50 -7.10
C ALA A 55 -32.14 -0.36 -5.89
N TYR A 56 -32.13 0.84 -5.33
CA TYR A 56 -31.15 1.20 -4.30
C TYR A 56 -31.84 1.08 -2.94
N SER A 57 -31.80 -0.13 -2.39
CA SER A 57 -32.42 -0.49 -1.12
C SER A 57 -31.47 -0.35 0.09
N ASN A 58 -30.29 0.23 -0.11
CA ASN A 58 -29.31 0.45 0.94
C ASN A 58 -29.05 1.93 1.08
N ILE A 59 -28.36 2.27 2.16
CA ILE A 59 -27.92 3.63 2.43
C ILE A 59 -26.43 3.60 2.78
N LYS A 60 -25.75 4.66 2.42
CA LYS A 60 -24.33 4.83 2.71
C LYS A 60 -24.22 6.07 3.61
N PHE A 61 -23.85 5.89 4.88
CA PHE A 61 -23.47 7.01 5.74
C PHE A 61 -22.01 7.34 5.53
N GLU A 62 -21.71 8.64 5.36
CA GLU A 62 -20.35 9.18 5.47
C GLU A 62 -20.30 10.11 6.69
N VAL A 63 -19.61 9.70 7.76
CA VAL A 63 -19.49 10.46 9.01
C VAL A 63 -18.06 10.95 9.17
N LEU A 64 -17.89 12.26 9.23
CA LEU A 64 -16.59 12.87 9.43
C LEU A 64 -16.38 13.15 10.93
N THR A 65 -15.34 12.58 11.52
CA THR A 65 -15.06 12.72 12.95
C THR A 65 -13.74 13.44 13.20
N ALA A 66 -13.71 14.26 14.25
CA ALA A 66 -12.48 14.99 14.56
C ALA A 66 -11.39 14.08 15.11
N SER A 67 -11.71 12.85 15.53
CA SER A 67 -10.68 11.94 16.01
C SER A 67 -11.00 10.51 15.57
N ARG A 68 -9.94 9.72 15.44
CA ARG A 68 -10.09 8.29 15.18
C ARG A 68 -10.96 7.60 16.23
N GLU A 69 -10.73 7.93 17.51
CA GLU A 69 -11.48 7.32 18.61
C GLU A 69 -12.97 7.50 18.47
N LEU A 70 -13.41 8.71 18.20
CA LEU A 70 -14.85 8.91 17.98
C LEU A 70 -15.37 8.03 16.83
N ALA A 71 -14.59 7.92 15.74
CA ALA A 71 -15.04 7.11 14.61
C ALA A 71 -15.12 5.64 14.99
N ASP A 72 -14.07 5.14 15.64
CA ASP A 72 -14.10 3.83 16.26
C ASP A 72 -15.30 3.62 17.16
N GLN A 73 -15.74 4.68 17.84
CA GLN A 73 -16.80 4.49 18.83
C GLN A 73 -18.16 4.39 18.16
N ILE A 74 -18.50 5.35 17.29
CA ILE A 74 -19.68 5.16 16.44
C ILE A 74 -19.66 3.78 15.76
N GLN A 75 -18.50 3.33 15.28
CA GLN A 75 -18.46 2.09 14.49
C GLN A 75 -18.74 0.86 15.36
N ASP A 76 -18.00 0.68 16.46
CA ASP A 76 -18.42 -0.25 17.51
C ASP A 76 -19.68 0.33 18.14
N LYS A 77 -20.80 -0.34 18.02
CA LYS A 77 -22.09 0.19 18.47
C LYS A 77 -23.03 -0.22 17.38
N VAL A 78 -22.89 0.47 16.24
CA VAL A 78 -23.48 -0.01 14.99
C VAL A 78 -23.12 -1.49 14.80
N VAL A 79 -21.83 -1.80 14.81
CA VAL A 79 -21.43 -3.18 14.59
C VAL A 79 -22.03 -4.08 15.66
N ALA A 80 -21.81 -3.75 16.94
CA ALA A 80 -22.29 -4.58 18.04
C ALA A 80 -23.81 -4.74 18.02
N LYS A 81 -24.52 -3.70 17.58
CA LYS A 81 -25.99 -3.74 17.55
C LYS A 81 -26.53 -4.47 16.32
N TYR A 82 -26.07 -4.14 15.11
CA TYR A 82 -26.78 -4.58 13.92
C TYR A 82 -26.01 -5.53 13.01
N PHE A 83 -24.73 -5.78 13.28
CA PHE A 83 -23.90 -6.51 12.33
C PHE A 83 -24.40 -7.94 12.11
N ASP A 84 -24.74 -8.64 13.18
CA ASP A 84 -25.15 -10.03 13.02
C ASP A 84 -26.41 -10.17 12.15
N ASP A 85 -27.33 -9.20 12.22
CA ASP A 85 -28.66 -9.42 11.66
C ASP A 85 -28.91 -8.72 10.34
N TYR A 86 -28.07 -7.78 9.95
CA TYR A 86 -28.33 -6.96 8.76
C TYR A 86 -27.06 -6.88 7.92
N SER A 87 -27.25 -6.87 6.60
CA SER A 87 -26.18 -6.47 5.69
C SER A 87 -25.59 -5.16 6.16
N CYS A 88 -24.29 -5.16 6.39
CA CYS A 88 -23.67 -3.96 6.89
C CYS A 88 -22.21 -4.02 6.51
N ILE A 89 -21.72 -2.94 5.94
CA ILE A 89 -20.31 -2.77 5.60
C ILE A 89 -19.84 -1.49 6.26
N THR A 90 -18.68 -1.53 6.88
CA THR A 90 -18.17 -0.31 7.49
C THR A 90 -16.66 -0.30 7.40
N TYR A 91 -16.10 0.91 7.33
CA TYR A 91 -14.65 1.06 7.29
C TYR A 91 -14.34 2.54 7.47
N ILE A 92 -13.06 2.86 7.59
CA ILE A 92 -12.61 4.18 8.04
C ILE A 92 -11.42 4.62 7.19
N SER A 93 -11.32 5.92 6.91
CA SER A 93 -10.10 6.41 6.29
C SER A 93 -9.90 7.88 6.66
N THR A 94 -8.79 8.45 6.23
CA THR A 94 -8.39 9.82 6.56
C THR A 94 -8.71 10.82 5.46
N VAL A 95 -9.10 12.01 5.89
CA VAL A 95 -9.31 13.13 4.97
C VAL A 95 -8.60 14.35 5.55
N GLU A 96 -8.20 15.27 4.67
CA GLU A 96 -7.56 16.53 5.01
C GLU A 96 -8.43 17.69 4.56
N ALA A 97 -8.15 18.88 5.12
CA ALA A 97 -8.63 20.16 4.59
C ALA A 97 -10.13 20.36 4.81
N LEU A 98 -10.63 19.94 5.97
CA LEU A 98 -12.06 19.91 6.22
C LEU A 98 -12.59 21.32 6.56
N ARG A 99 -13.52 21.83 5.74
CA ARG A 99 -14.28 23.05 6.04
C ARG A 99 -15.75 22.65 6.16
N ALA A 100 -16.47 23.17 7.16
CA ALA A 100 -17.88 22.78 7.31
C ALA A 100 -18.82 23.89 7.81
N SER B 1 2.75 4.91 -7.95
CA SER B 1 3.45 5.63 -9.01
C SER B 1 2.80 6.99 -9.32
N GLN B 2 1.48 7.08 -9.20
CA GLN B 2 0.69 8.23 -9.68
C GLN B 2 -0.25 8.74 -8.58
N GLN B 3 0.22 9.73 -7.80
CA GLN B 3 -0.57 10.28 -6.71
C GLN B 3 -1.49 11.39 -7.21
N VAL B 4 -2.77 11.29 -6.85
CA VAL B 4 -3.83 12.17 -7.35
C VAL B 4 -4.66 12.65 -6.17
N TRP B 5 -5.08 13.90 -6.20
CA TRP B 5 -5.93 14.46 -5.17
C TRP B 5 -7.40 14.47 -5.58
N LYS B 6 -8.28 14.14 -4.63
CA LYS B 6 -9.72 14.10 -4.83
C LYS B 6 -10.38 15.09 -3.89
N LEU B 7 -11.02 16.12 -4.44
CA LEU B 7 -11.73 17.10 -3.64
C LEU B 7 -13.21 16.74 -3.59
N VAL B 8 -13.77 16.72 -2.37
CA VAL B 8 -15.19 16.42 -2.16
C VAL B 8 -15.88 17.68 -1.68
N ILE B 9 -16.96 18.07 -2.37
CA ILE B 9 -17.77 19.23 -1.98
C ILE B 9 -19.20 18.76 -1.85
N ILE B 10 -19.77 18.88 -0.67
CA ILE B 10 -21.12 18.44 -0.38
C ILE B 10 -21.94 19.68 -0.02
N THR B 11 -22.95 19.97 -0.83
CA THR B 11 -23.61 21.27 -0.73
C THR B 11 -25.04 21.17 -1.23
N GLU B 12 -25.83 22.19 -0.88
CA GLU B 12 -27.26 22.21 -1.19
C GLU B 12 -27.48 22.10 -2.69
N GLU B 13 -28.54 21.36 -3.07
CA GLU B 13 -28.76 21.07 -4.48
C GLU B 13 -28.85 22.35 -5.30
N ILE B 14 -29.41 23.40 -4.72
CA ILE B 14 -29.71 24.68 -5.36
C ILE B 14 -28.46 25.29 -5.99
N LEU B 15 -27.28 24.84 -5.57
CA LEU B 15 -26.02 25.40 -6.07
C LEU B 15 -25.31 24.57 -7.13
N LEU B 16 -26.03 23.67 -7.78
CA LEU B 16 -25.45 22.82 -8.80
C LEU B 16 -24.64 23.55 -9.87
N LYS B 17 -25.31 24.38 -10.66
CA LYS B 17 -24.65 25.11 -11.74
C LYS B 17 -23.54 26.05 -11.27
N LYS B 18 -23.75 26.72 -10.14
CA LYS B 18 -22.77 27.65 -9.61
C LYS B 18 -21.42 27.00 -9.33
N VAL B 19 -21.43 25.96 -8.52
CA VAL B 19 -20.21 25.24 -8.18
C VAL B 19 -19.71 24.46 -9.39
N SER B 20 -20.63 23.92 -10.22
CA SER B 20 -20.20 23.28 -11.46
C SER B 20 -19.37 24.25 -12.31
N LYS B 21 -19.70 25.54 -12.25
CA LYS B 21 -18.98 26.52 -13.06
C LYS B 21 -17.67 26.92 -12.39
N ILE B 22 -17.65 26.95 -11.05
CA ILE B 22 -16.40 27.14 -10.34
C ILE B 22 -15.42 26.01 -10.65
N ILE B 23 -15.92 24.76 -10.69
CA ILE B 23 -15.07 23.63 -11.02
C ILE B 23 -14.61 23.72 -12.46
N LYS B 24 -15.52 24.12 -13.36
CA LYS B 24 -15.17 24.33 -14.75
C LYS B 24 -14.13 25.43 -14.90
N GLU B 25 -14.50 26.64 -14.50
CA GLU B 25 -13.63 27.81 -14.66
C GLU B 25 -12.25 27.58 -14.06
N ALA B 26 -12.17 26.83 -12.95
CA ALA B 26 -10.88 26.56 -12.33
C ALA B 26 -10.01 25.58 -13.12
N GLY B 27 -10.51 25.01 -14.22
CA GLY B 27 -9.67 24.25 -15.13
C GLY B 27 -9.54 22.77 -14.86
N ALA B 28 -10.37 22.20 -13.99
CA ALA B 28 -10.27 20.77 -13.70
C ALA B 28 -10.93 19.96 -14.81
N SER B 29 -10.35 18.78 -15.09
CA SER B 29 -10.83 17.88 -16.14
C SER B 29 -12.35 17.75 -16.15
N GLY B 30 -12.91 17.30 -15.03
CA GLY B 30 -14.34 17.14 -14.90
C GLY B 30 -14.71 16.86 -13.45
N TYR B 31 -15.78 16.10 -13.23
CA TYR B 31 -16.19 15.76 -11.87
C TYR B 31 -17.29 14.72 -11.94
N THR B 32 -17.67 14.22 -10.77
CA THR B 32 -18.83 13.37 -10.60
C THR B 32 -19.76 14.04 -9.58
N VAL B 33 -21.06 13.89 -9.80
CA VAL B 33 -22.07 14.46 -8.93
C VAL B 33 -22.95 13.33 -8.44
N LEU B 34 -23.11 13.23 -7.12
CA LEU B 34 -24.00 12.25 -6.53
C LEU B 34 -25.05 12.95 -5.66
N ALA B 35 -26.27 12.48 -5.71
CA ALA B 35 -27.31 13.06 -4.88
C ALA B 35 -27.19 12.53 -3.46
N ALA B 36 -27.39 13.43 -2.48
CA ALA B 36 -27.11 13.11 -1.08
C ALA B 36 -28.16 13.77 -0.18
N ALA B 37 -28.07 13.48 1.12
CA ALA B 37 -29.01 14.01 2.11
C ALA B 37 -28.26 14.42 3.37
N GLY B 38 -28.60 15.59 3.90
CA GLY B 38 -27.90 16.17 5.03
C GLY B 38 -28.51 15.89 6.40
N TYR B 56 -32.02 19.49 3.31
CA TYR B 56 -32.14 18.03 3.32
C TYR B 56 -31.40 17.41 2.13
N SER B 57 -31.88 17.73 0.93
CA SER B 57 -31.32 17.19 -0.31
C SER B 57 -30.07 17.99 -0.72
N ASN B 58 -28.93 17.28 -0.84
CA ASN B 58 -27.67 17.90 -1.24
C ASN B 58 -27.04 17.16 -2.41
N ILE B 59 -26.05 17.81 -2.98
CA ILE B 59 -25.20 17.20 -3.99
C ILE B 59 -23.80 17.08 -3.46
N LYS B 60 -23.11 16.03 -3.90
CA LYS B 60 -21.73 15.74 -3.51
C LYS B 60 -20.89 15.72 -4.78
N PHE B 61 -20.00 16.70 -4.94
CA PHE B 61 -19.05 16.72 -6.03
C PHE B 61 -17.79 15.96 -5.64
N GLU B 62 -17.28 15.16 -6.58
CA GLU B 62 -15.94 14.60 -6.48
C GLU B 62 -15.12 15.08 -7.67
N VAL B 63 -14.09 15.84 -7.39
CA VAL B 63 -13.24 16.46 -8.40
C VAL B 63 -11.85 15.88 -8.25
N LEU B 64 -11.29 15.40 -9.36
CA LEU B 64 -9.93 14.85 -9.37
C LEU B 64 -8.97 15.88 -9.96
N THR B 65 -7.86 16.08 -9.28
CA THR B 65 -6.83 17.00 -9.73
C THR B 65 -5.49 16.30 -9.68
N ALA B 66 -4.68 16.50 -10.71
CA ALA B 66 -3.31 15.99 -10.73
C ALA B 66 -2.40 16.83 -9.87
N SER B 67 -2.86 17.98 -9.40
CA SER B 67 -2.07 18.88 -8.57
C SER B 67 -2.85 19.25 -7.30
N ARG B 68 -2.22 19.09 -6.13
CA ARG B 68 -2.86 19.56 -4.91
C ARG B 68 -3.21 21.04 -5.00
N GLU B 69 -2.36 21.82 -5.66
CA GLU B 69 -2.64 23.23 -5.91
C GLU B 69 -4.07 23.45 -6.38
N LEU B 70 -4.43 22.77 -7.48
CA LEU B 70 -5.71 22.96 -8.16
C LEU B 70 -6.90 22.61 -7.27
N ALA B 71 -6.73 21.61 -6.39
CA ALA B 71 -7.83 21.26 -5.49
C ALA B 71 -8.14 22.41 -4.54
N ASP B 72 -7.11 23.03 -3.97
CA ASP B 72 -7.34 24.02 -2.93
C ASP B 72 -7.88 25.33 -3.49
N GLN B 73 -7.55 25.68 -4.74
CA GLN B 73 -8.18 26.83 -5.38
C GLN B 73 -9.69 26.62 -5.48
N ILE B 74 -10.09 25.49 -6.05
CA ILE B 74 -11.52 25.19 -6.14
C ILE B 74 -12.15 25.21 -4.76
N GLN B 75 -11.46 24.67 -3.76
CA GLN B 75 -11.99 24.72 -2.41
C GLN B 75 -12.14 26.18 -1.95
N ASP B 76 -11.10 26.99 -2.13
CA ASP B 76 -11.11 28.37 -1.62
C ASP B 76 -12.30 29.15 -2.15
N LYS B 77 -12.47 29.20 -3.47
CA LYS B 77 -13.52 30.03 -4.05
C LYS B 77 -14.88 29.57 -3.60
N VAL B 78 -15.08 28.24 -3.52
CA VAL B 78 -16.38 27.69 -3.13
C VAL B 78 -16.76 28.14 -1.74
N VAL B 79 -15.89 27.87 -0.75
CA VAL B 79 -16.21 28.20 0.63
C VAL B 79 -16.15 29.71 0.84
N ALA B 80 -15.38 30.42 0.01
CA ALA B 80 -15.41 31.87 0.04
C ALA B 80 -16.84 32.39 -0.14
N LYS B 81 -17.47 32.01 -1.26
CA LYS B 81 -18.80 32.55 -1.57
C LYS B 81 -19.86 31.97 -0.65
N TYR B 82 -19.97 30.64 -0.57
CA TYR B 82 -21.00 30.04 0.26
C TYR B 82 -20.45 29.75 1.65
N PHE B 83 -20.92 28.66 2.27
CA PHE B 83 -20.44 28.23 3.58
C PHE B 83 -21.00 29.13 4.68
N ASP B 84 -20.81 30.46 4.52
CA ASP B 84 -21.27 31.43 5.50
C ASP B 84 -22.78 31.63 5.47
N ASP B 85 -23.46 31.25 4.38
CA ASP B 85 -24.92 31.34 4.32
C ASP B 85 -25.51 30.19 3.48
N TYR B 86 -24.78 29.09 3.37
CA TYR B 86 -25.24 27.87 2.72
C TYR B 86 -24.59 26.68 3.43
N SER B 87 -25.34 25.60 3.58
CA SER B 87 -24.76 24.38 4.15
C SER B 87 -23.68 23.84 3.22
N CYS B 88 -22.54 23.48 3.80
CA CYS B 88 -21.35 23.21 3.01
C CYS B 88 -20.41 22.32 3.81
N ILE B 89 -20.02 21.20 3.21
CA ILE B 89 -18.93 20.36 3.69
C ILE B 89 -17.97 20.16 2.52
N THR B 90 -16.67 20.24 2.79
CA THR B 90 -15.67 19.99 1.76
C THR B 90 -14.37 19.53 2.42
N TYR B 91 -13.64 18.69 1.71
CA TYR B 91 -12.42 18.09 2.24
C TYR B 91 -11.69 17.45 1.07
N ILE B 92 -10.42 17.11 1.29
CA ILE B 92 -9.54 16.55 0.26
C ILE B 92 -8.93 15.24 0.77
N SER B 93 -8.66 14.33 -0.15
CA SER B 93 -7.82 13.17 0.14
C SER B 93 -7.10 12.80 -1.15
N THR B 94 -6.42 11.65 -1.13
CA THR B 94 -5.67 11.19 -2.28
C THR B 94 -6.15 9.81 -2.70
N VAL B 95 -6.04 9.55 -3.98
CA VAL B 95 -6.26 8.24 -4.57
C VAL B 95 -5.04 7.93 -5.43
N GLU B 96 -4.97 6.70 -5.91
CA GLU B 96 -3.92 6.38 -6.88
C GLU B 96 -4.50 5.58 -8.05
N ALA B 97 -3.62 5.08 -8.94
CA ALA B 97 -4.00 4.19 -10.05
C ALA B 97 -5.14 4.76 -10.88
N LEU B 98 -5.07 6.07 -11.15
CA LEU B 98 -6.13 6.76 -11.89
C LEU B 98 -6.11 6.39 -13.37
N ARG B 99 -7.29 6.14 -13.93
CA ARG B 99 -7.52 6.00 -15.36
C ARG B 99 -8.88 6.63 -15.68
N ALA B 100 -8.93 7.43 -16.75
CA ALA B 100 -10.09 8.25 -17.04
C ALA B 100 -10.26 8.42 -18.55
N HIS B 101 -11.51 8.55 -18.99
CA HIS B 101 -11.80 8.66 -20.43
C HIS B 101 -13.21 9.21 -20.71
N GLN C 2 -5.83 -4.61 9.66
CA GLN C 2 -6.18 -5.04 8.30
C GLN C 2 -6.33 -3.88 7.31
N GLN C 3 -5.44 -3.86 6.33
CA GLN C 3 -5.54 -2.89 5.24
C GLN C 3 -6.34 -3.48 4.10
N VAL C 4 -7.31 -2.70 3.62
CA VAL C 4 -8.20 -3.07 2.52
C VAL C 4 -8.11 -2.00 1.44
N TRP C 5 -8.34 -2.40 0.19
CA TRP C 5 -8.28 -1.51 -0.97
C TRP C 5 -9.70 -1.23 -1.48
N LYS C 6 -9.94 0.02 -1.86
CA LYS C 6 -11.21 0.42 -2.45
C LYS C 6 -10.98 0.77 -3.92
N LEU C 7 -11.71 0.12 -4.81
CA LEU C 7 -11.58 0.37 -6.25
C LEU C 7 -12.88 1.02 -6.67
N VAL C 8 -12.78 2.27 -7.11
CA VAL C 8 -13.93 2.99 -7.66
C VAL C 8 -13.93 2.83 -9.19
N ILE C 9 -15.05 2.43 -9.76
CA ILE C 9 -15.25 2.49 -11.23
C ILE C 9 -16.51 3.31 -11.49
N ILE C 10 -16.37 4.42 -12.20
CA ILE C 10 -17.49 5.23 -12.63
C ILE C 10 -17.71 5.00 -14.14
N THR C 11 -18.86 4.42 -14.52
CA THR C 11 -19.15 4.23 -15.94
C THR C 11 -20.61 4.56 -16.22
N GLU C 12 -21.04 4.25 -17.46
CA GLU C 12 -22.38 4.57 -17.91
C GLU C 12 -23.37 3.52 -17.41
N GLU C 13 -24.56 3.97 -17.04
CA GLU C 13 -25.63 3.11 -16.55
C GLU C 13 -25.69 1.77 -17.27
N ILE C 14 -25.57 1.81 -18.61
CA ILE C 14 -25.89 0.64 -19.44
C ILE C 14 -24.97 -0.53 -19.08
N LEU C 15 -23.76 -0.23 -18.61
CA LEU C 15 -22.77 -1.24 -18.28
C LEU C 15 -22.98 -1.90 -16.90
N LEU C 16 -24.08 -1.58 -16.21
CA LEU C 16 -24.34 -2.09 -14.86
C LEU C 16 -24.16 -3.60 -14.76
N LYS C 17 -24.74 -4.34 -15.71
CA LYS C 17 -24.82 -5.79 -15.57
C LYS C 17 -23.50 -6.47 -15.93
N LYS C 18 -22.85 -5.98 -16.98
CA LYS C 18 -21.59 -6.57 -17.39
C LYS C 18 -20.48 -6.28 -16.40
N VAL C 19 -20.53 -5.12 -15.76
CA VAL C 19 -19.46 -4.79 -14.83
C VAL C 19 -19.68 -5.47 -13.48
N SER C 20 -20.94 -5.53 -13.03
CA SER C 20 -21.27 -6.35 -11.86
C SER C 20 -20.75 -7.77 -12.04
N LYS C 21 -21.07 -8.40 -13.18
CA LYS C 21 -20.64 -9.77 -13.43
C LYS C 21 -19.12 -9.90 -13.35
N ILE C 22 -18.38 -8.97 -13.97
CA ILE C 22 -16.92 -8.99 -13.85
C ILE C 22 -16.52 -9.00 -12.38
N ILE C 23 -17.22 -8.20 -11.57
CA ILE C 23 -16.80 -8.02 -10.18
C ILE C 23 -16.98 -9.32 -9.40
N LYS C 24 -18.18 -9.91 -9.47
CA LYS C 24 -18.41 -11.21 -8.84
C LYS C 24 -17.42 -12.28 -9.30
N GLU C 25 -17.40 -12.58 -10.60
CA GLU C 25 -16.52 -13.64 -11.08
C GLU C 25 -15.07 -13.47 -10.67
N ALA C 26 -14.67 -12.26 -10.29
CA ALA C 26 -13.33 -12.07 -9.74
C ALA C 26 -13.24 -12.48 -8.28
N GLY C 27 -14.37 -12.54 -7.58
CA GLY C 27 -14.39 -12.87 -6.17
C GLY C 27 -14.22 -11.66 -5.28
N ALA C 28 -15.17 -10.73 -5.36
CA ALA C 28 -15.12 -9.57 -4.49
C ALA C 28 -15.79 -9.88 -3.15
N SER C 29 -15.44 -9.10 -2.14
CA SER C 29 -15.98 -9.28 -0.79
C SER C 29 -17.07 -8.27 -0.45
N GLY C 30 -17.52 -7.47 -1.40
CA GLY C 30 -18.55 -6.48 -1.15
C GLY C 30 -18.43 -5.30 -2.08
N TYR C 31 -19.43 -5.10 -2.95
CA TYR C 31 -19.41 -3.94 -3.82
C TYR C 31 -20.72 -3.17 -3.71
N THR C 32 -20.60 -1.87 -3.86
CA THR C 32 -21.73 -0.97 -3.77
C THR C 32 -21.82 -0.16 -5.04
N VAL C 33 -23.04 0.19 -5.42
CA VAL C 33 -23.29 1.02 -6.59
C VAL C 33 -24.13 2.20 -6.17
N LEU C 34 -23.76 3.39 -6.67
CA LEU C 34 -24.54 4.61 -6.53
C LEU C 34 -24.76 5.26 -7.90
N ALA C 35 -25.84 5.99 -8.03
CA ALA C 35 -26.12 6.67 -9.29
C ALA C 35 -25.33 7.96 -9.32
N ALA C 36 -24.94 8.39 -10.52
CA ALA C 36 -24.06 9.54 -10.62
C ALA C 36 -24.25 10.25 -11.94
N ALA C 37 -23.80 11.49 -11.97
CA ALA C 37 -23.94 12.38 -13.10
C ALA C 37 -22.58 12.99 -13.41
N GLY C 38 -22.25 13.07 -14.70
CA GLY C 38 -21.01 13.66 -15.15
C GLY C 38 -21.16 15.15 -15.38
N GLU C 39 -20.51 15.66 -16.43
CA GLU C 39 -20.63 17.08 -16.77
C GLU C 39 -20.96 17.26 -18.25
N ALA C 55 -28.33 14.70 -15.34
CA ALA C 55 -29.02 13.43 -15.34
C ALA C 55 -28.12 12.31 -14.78
N TYR C 56 -28.68 11.50 -13.89
CA TYR C 56 -27.93 10.42 -13.24
C TYR C 56 -27.92 9.19 -14.15
N SER C 57 -27.26 9.36 -15.30
CA SER C 57 -27.10 8.32 -16.31
C SER C 57 -25.78 7.56 -16.17
N ASN C 58 -24.98 7.88 -15.16
CA ASN C 58 -23.78 7.16 -14.81
C ASN C 58 -24.00 6.42 -13.50
N ILE C 59 -23.09 5.50 -13.23
CA ILE C 59 -23.11 4.70 -12.02
C ILE C 59 -21.70 4.66 -11.48
N LYS C 60 -21.60 4.60 -10.15
CA LYS C 60 -20.34 4.54 -9.41
C LYS C 60 -20.29 3.22 -8.66
N PHE C 61 -19.28 2.42 -8.94
CA PHE C 61 -18.98 1.18 -8.25
C PHE C 61 -17.95 1.45 -7.18
N GLU C 62 -18.13 0.81 -6.04
CA GLU C 62 -17.14 0.79 -4.96
C GLU C 62 -16.93 -0.66 -4.57
N VAL C 63 -15.74 -1.17 -4.80
CA VAL C 63 -15.43 -2.57 -4.63
C VAL C 63 -14.29 -2.64 -3.63
N LEU C 64 -14.49 -3.38 -2.55
CA LEU C 64 -13.50 -3.49 -1.48
C LEU C 64 -12.78 -4.81 -1.65
N THR C 65 -11.45 -4.76 -1.69
CA THR C 65 -10.68 -5.99 -1.92
C THR C 65 -9.60 -6.12 -0.85
N ALA C 66 -9.31 -7.38 -0.49
CA ALA C 66 -8.34 -7.66 0.56
C ALA C 66 -6.91 -7.48 0.10
N SER C 67 -6.67 -7.50 -1.21
CA SER C 67 -5.33 -7.36 -1.76
C SER C 67 -5.37 -6.30 -2.86
N ARG C 68 -4.26 -5.54 -2.97
CA ARG C 68 -4.09 -4.63 -4.08
C ARG C 68 -4.05 -5.36 -5.41
N GLU C 69 -3.67 -6.64 -5.40
CA GLU C 69 -3.59 -7.38 -6.64
C GLU C 69 -4.97 -7.66 -7.22
N LEU C 70 -5.95 -7.99 -6.37
CA LEU C 70 -7.29 -8.24 -6.89
C LEU C 70 -7.93 -6.94 -7.38
N ALA C 71 -7.76 -5.85 -6.65
CA ALA C 71 -8.18 -4.54 -7.15
C ALA C 71 -7.59 -4.26 -8.53
N ASP C 72 -6.26 -4.36 -8.65
CA ASP C 72 -5.58 -4.23 -9.94
C ASP C 72 -6.16 -5.17 -10.99
N GLN C 73 -6.47 -6.40 -10.58
CA GLN C 73 -7.04 -7.38 -11.50
C GLN C 73 -8.38 -6.92 -12.07
N ILE C 74 -9.29 -6.44 -11.20
CA ILE C 74 -10.60 -6.00 -11.66
C ILE C 74 -10.49 -4.71 -12.46
N GLN C 75 -9.62 -3.80 -12.05
CA GLN C 75 -9.42 -2.58 -12.81
C GLN C 75 -8.93 -2.89 -14.23
N ASP C 76 -7.85 -3.67 -14.35
CA ASP C 76 -7.32 -4.08 -15.66
C ASP C 76 -8.40 -4.64 -16.57
N LYS C 77 -9.21 -5.57 -16.04
CA LYS C 77 -10.26 -6.17 -16.85
C LYS C 77 -11.26 -5.13 -17.36
N VAL C 78 -11.81 -4.29 -16.48
CA VAL C 78 -12.79 -3.29 -16.95
C VAL C 78 -12.16 -2.28 -17.91
N VAL C 79 -10.90 -1.90 -17.69
CA VAL C 79 -10.26 -0.93 -18.56
C VAL C 79 -10.01 -1.54 -19.94
N ALA C 80 -9.29 -2.66 -19.97
CA ALA C 80 -9.00 -3.32 -21.24
C ALA C 80 -10.25 -3.54 -22.05
N LYS C 81 -11.38 -3.79 -21.39
CA LYS C 81 -12.59 -4.21 -22.09
C LYS C 81 -13.57 -3.08 -22.38
N TYR C 82 -13.60 -2.00 -21.58
CA TYR C 82 -14.57 -0.95 -21.88
C TYR C 82 -14.01 0.47 -21.88
N PHE C 83 -12.76 0.67 -21.47
CA PHE C 83 -12.18 2.00 -21.34
C PHE C 83 -12.26 2.82 -22.62
N ASP C 84 -12.09 2.16 -23.78
CA ASP C 84 -11.94 2.86 -25.04
C ASP C 84 -13.28 3.36 -25.59
N ASP C 85 -14.33 2.54 -25.50
CA ASP C 85 -15.59 2.84 -26.17
C ASP C 85 -16.63 3.43 -25.24
N TYR C 86 -16.31 3.62 -23.96
CA TYR C 86 -17.25 4.15 -22.98
C TYR C 86 -16.56 5.21 -22.14
N SER C 87 -17.36 6.07 -21.53
CA SER C 87 -16.82 7.02 -20.55
C SER C 87 -16.54 6.25 -19.26
N CYS C 88 -15.32 6.42 -18.75
N CYS C 88 -15.31 6.39 -18.74
CA CYS C 88 -14.87 5.61 -17.63
CA CYS C 88 -14.92 5.57 -17.60
C CYS C 88 -13.94 6.43 -16.75
C CYS C 88 -13.89 6.30 -16.77
N ILE C 89 -14.03 6.19 -15.45
CA ILE C 89 -13.11 6.76 -14.46
C ILE C 89 -12.88 5.69 -13.41
N THR C 90 -11.63 5.34 -13.17
CA THR C 90 -11.35 4.37 -12.14
C THR C 90 -10.14 4.80 -11.33
N TYR C 91 -10.12 4.42 -10.06
CA TYR C 91 -9.01 4.72 -9.18
C TYR C 91 -9.14 3.86 -7.94
N ILE C 92 -8.04 3.79 -7.18
CA ILE C 92 -7.94 2.93 -6.01
C ILE C 92 -7.46 3.75 -4.83
N SER C 93 -7.90 3.38 -3.64
CA SER C 93 -7.36 3.96 -2.42
C SER C 93 -7.43 2.90 -1.33
N THR C 94 -6.76 3.16 -0.21
CA THR C 94 -6.73 2.20 0.88
C THR C 94 -7.67 2.64 2.00
N VAL C 95 -8.22 1.63 2.68
CA VAL C 95 -9.14 1.86 3.78
C VAL C 95 -8.80 0.96 4.95
N GLU C 96 -9.29 1.32 6.12
CA GLU C 96 -9.06 0.56 7.34
C GLU C 96 -10.37 0.11 8.00
N ALA C 97 -10.23 -0.86 8.89
CA ALA C 97 -11.26 -1.23 9.88
C ALA C 97 -12.48 -1.86 9.20
N LEU C 98 -12.23 -2.63 8.16
CA LEU C 98 -13.34 -3.25 7.44
C LEU C 98 -14.05 -4.28 8.32
N ARG C 99 -15.34 -4.06 8.55
CA ARG C 99 -16.23 -5.08 9.06
C ARG C 99 -17.34 -5.28 8.03
N ALA C 100 -17.54 -6.52 7.56
CA ALA C 100 -18.37 -6.78 6.39
C ALA C 100 -19.27 -7.98 6.62
N HIS C 101 -20.55 -7.82 6.27
CA HIS C 101 -21.57 -8.87 6.39
C HIS C 101 -22.74 -8.66 5.42
N SER D 1 31.63 -22.97 4.63
CA SER D 1 31.74 -21.70 5.35
C SER D 1 32.89 -20.88 4.79
N GLN D 2 32.57 -19.84 4.03
CA GLN D 2 33.57 -19.03 3.36
C GLN D 2 33.01 -17.63 3.11
N GLN D 3 33.72 -16.60 3.56
CA GLN D 3 33.25 -15.24 3.33
C GLN D 3 33.16 -14.96 1.84
N VAL D 4 32.02 -14.39 1.43
CA VAL D 4 31.71 -14.09 0.05
C VAL D 4 31.02 -12.73 0.01
N TRP D 5 31.03 -12.09 -1.15
CA TRP D 5 30.58 -10.72 -1.28
C TRP D 5 29.18 -10.67 -1.88
N LYS D 6 28.31 -9.85 -1.27
CA LYS D 6 26.96 -9.60 -1.76
C LYS D 6 26.86 -8.15 -2.23
N LEU D 7 26.45 -7.96 -3.47
CA LEU D 7 26.32 -6.64 -4.07
C LEU D 7 24.85 -6.32 -4.31
N VAL D 8 24.40 -5.18 -3.78
CA VAL D 8 23.01 -4.75 -3.85
C VAL D 8 22.95 -3.59 -4.81
N ILE D 9 22.02 -3.64 -5.73
CA ILE D 9 21.75 -2.52 -6.63
C ILE D 9 20.25 -2.29 -6.60
N ILE D 10 19.84 -1.06 -6.34
CA ILE D 10 18.44 -0.68 -6.30
C ILE D 10 18.29 0.46 -7.27
N THR D 11 17.50 0.24 -8.32
CA THR D 11 17.30 1.25 -9.35
C THR D 11 15.90 1.08 -9.92
N GLU D 12 15.60 1.83 -10.96
CA GLU D 12 14.25 1.80 -11.51
C GLU D 12 14.04 0.54 -12.33
N GLU D 13 12.81 0.04 -12.30
CA GLU D 13 12.44 -1.17 -13.05
C GLU D 13 12.72 -1.04 -14.55
N ILE D 14 12.61 0.17 -15.11
CA ILE D 14 12.94 0.38 -16.53
C ILE D 14 14.31 -0.21 -16.87
N LEU D 15 15.23 -0.27 -15.90
CA LEU D 15 16.60 -0.71 -16.15
C LEU D 15 16.81 -2.20 -15.97
N LEU D 16 15.76 -3.00 -15.73
CA LEU D 16 15.95 -4.40 -15.40
C LEU D 16 16.86 -5.12 -16.39
N LYS D 17 16.53 -5.02 -17.69
CA LYS D 17 17.29 -5.74 -18.69
C LYS D 17 18.70 -5.19 -18.82
N LYS D 18 18.84 -3.87 -18.76
CA LYS D 18 20.17 -3.31 -18.96
C LYS D 18 21.13 -3.75 -17.88
N VAL D 19 20.69 -3.71 -16.62
CA VAL D 19 21.60 -4.05 -15.52
C VAL D 19 21.84 -5.55 -15.45
N SER D 20 20.80 -6.37 -15.68
CA SER D 20 21.05 -7.80 -15.71
C SER D 20 21.95 -8.19 -16.89
N LYS D 21 21.93 -7.42 -17.97
CA LYS D 21 22.94 -7.60 -19.02
C LYS D 21 24.34 -7.40 -18.46
N ILE D 22 24.57 -6.26 -17.81
CA ILE D 22 25.87 -5.98 -17.21
C ILE D 22 26.28 -7.09 -16.25
N ILE D 23 25.32 -7.66 -15.53
CA ILE D 23 25.65 -8.62 -14.49
C ILE D 23 26.15 -9.93 -15.09
N LYS D 24 25.44 -10.46 -16.09
CA LYS D 24 25.90 -11.70 -16.73
C LYS D 24 27.16 -11.46 -17.54
N GLU D 25 27.22 -10.36 -18.29
CA GLU D 25 28.40 -10.04 -19.09
C GLU D 25 29.66 -9.87 -18.26
N ALA D 26 29.53 -9.59 -16.96
CA ALA D 26 30.69 -9.62 -16.08
C ALA D 26 31.00 -11.04 -15.61
N GLY D 27 30.08 -11.98 -15.80
CA GLY D 27 30.36 -13.36 -15.51
C GLY D 27 29.96 -13.81 -14.12
N ALA D 28 29.18 -13.02 -13.39
CA ALA D 28 28.69 -13.46 -12.10
C ALA D 28 27.84 -14.72 -12.29
N SER D 29 27.96 -15.65 -11.35
CA SER D 29 27.22 -16.90 -11.39
C SER D 29 25.75 -16.62 -11.69
N GLY D 30 25.04 -16.08 -10.71
CA GLY D 30 23.69 -15.63 -10.91
C GLY D 30 23.36 -14.40 -10.09
N TYR D 31 22.07 -14.09 -9.99
CA TYR D 31 21.58 -12.99 -9.17
C TYR D 31 20.11 -13.25 -8.90
N THR D 32 19.57 -12.57 -7.91
CA THR D 32 18.14 -12.55 -7.70
C THR D 32 17.67 -11.10 -7.71
N VAL D 33 16.41 -10.88 -8.10
CA VAL D 33 15.87 -9.55 -8.01
C VAL D 33 14.53 -9.61 -7.30
N LEU D 34 14.17 -8.52 -6.65
CA LEU D 34 12.93 -8.40 -5.93
C LEU D 34 12.29 -7.06 -6.29
N ALA D 35 10.96 -7.01 -6.24
CA ALA D 35 10.22 -5.78 -6.49
C ALA D 35 10.30 -4.86 -5.27
N ALA D 36 10.53 -3.57 -5.52
CA ALA D 36 10.92 -2.62 -4.50
C ALA D 36 10.23 -1.27 -4.73
N ALA D 37 9.97 -0.55 -3.64
CA ALA D 37 9.46 0.81 -3.72
C ALA D 37 10.26 1.73 -2.81
N GLY D 38 9.86 3.00 -2.71
CA GLY D 38 10.53 3.94 -1.83
C GLY D 38 10.63 5.34 -2.42
N GLU D 39 11.31 6.24 -1.71
CA GLU D 39 11.58 7.57 -2.24
C GLU D 39 13.06 7.91 -2.32
N GLY D 40 13.85 7.53 -1.31
CA GLY D 40 15.29 7.77 -1.33
C GLY D 40 16.11 6.55 -0.94
N ALA D 55 3.33 1.77 -8.21
CA ALA D 55 3.52 1.37 -6.81
C ALA D 55 4.95 0.86 -6.58
N TYR D 56 5.18 -0.42 -6.89
CA TYR D 56 6.51 -1.03 -6.73
C TYR D 56 7.25 -0.92 -8.06
N SER D 57 7.74 0.28 -8.34
CA SER D 57 8.36 0.61 -9.62
C SER D 57 9.88 0.50 -9.61
N ASN D 58 10.48 0.14 -8.48
CA ASN D 58 11.91 -0.09 -8.42
C ASN D 58 12.20 -1.58 -8.24
N ILE D 59 13.48 -1.93 -8.40
CA ILE D 59 13.92 -3.31 -8.27
C ILE D 59 15.22 -3.29 -7.50
N LYS D 60 15.48 -4.41 -6.84
CA LYS D 60 16.65 -4.62 -6.01
C LYS D 60 17.33 -5.87 -6.52
N PHE D 61 18.54 -5.69 -7.10
CA PHE D 61 19.39 -6.80 -7.49
C PHE D 61 20.25 -7.21 -6.31
N GLU D 62 20.46 -8.52 -6.17
CA GLU D 62 21.38 -9.10 -5.19
C GLU D 62 22.31 -10.08 -5.92
N VAL D 63 23.58 -9.73 -6.02
CA VAL D 63 24.58 -10.52 -6.75
C VAL D 63 25.58 -11.09 -5.75
N LEU D 64 25.72 -12.42 -5.74
CA LEU D 64 26.67 -13.10 -4.87
C LEU D 64 27.92 -13.48 -5.67
N THR D 65 29.10 -13.07 -5.19
CA THR D 65 30.36 -13.35 -5.87
C THR D 65 31.47 -13.57 -4.85
N ALA D 66 32.32 -14.56 -5.12
CA ALA D 66 33.43 -14.86 -4.22
C ALA D 66 34.54 -13.83 -4.32
N SER D 67 34.57 -13.05 -5.39
CA SER D 67 35.65 -12.11 -5.64
C SER D 67 35.14 -10.68 -5.55
N ARG D 68 35.76 -9.89 -4.68
CA ARG D 68 35.40 -8.50 -4.55
C ARG D 68 35.57 -7.73 -5.85
N GLU D 69 36.58 -8.07 -6.66
CA GLU D 69 36.87 -7.25 -7.84
C GLU D 69 35.82 -7.44 -8.95
N LEU D 70 35.18 -8.60 -9.03
CA LEU D 70 33.98 -8.70 -9.86
C LEU D 70 32.87 -7.79 -9.34
N ALA D 71 32.68 -7.76 -8.02
CA ALA D 71 31.62 -6.91 -7.46
C ALA D 71 31.90 -5.43 -7.73
N ASP D 72 33.15 -4.99 -7.59
CA ASP D 72 33.46 -3.60 -7.92
C ASP D 72 33.32 -3.34 -9.41
N GLN D 73 33.57 -4.36 -10.23
CA GLN D 73 33.42 -4.19 -11.67
C GLN D 73 31.96 -3.96 -12.05
N ILE D 74 31.07 -4.87 -11.65
CA ILE D 74 29.64 -4.66 -11.90
C ILE D 74 29.18 -3.32 -11.37
N GLN D 75 29.55 -3.01 -10.12
CA GLN D 75 29.07 -1.79 -9.49
C GLN D 75 29.63 -0.55 -10.19
N ASP D 76 30.94 -0.55 -10.48
CA ASP D 76 31.53 0.58 -11.19
C ASP D 76 30.84 0.81 -12.52
N LYS D 77 30.49 -0.26 -13.23
CA LYS D 77 29.87 -0.08 -14.54
C LYS D 77 28.45 0.46 -14.38
N VAL D 78 27.73 0.04 -13.35
CA VAL D 78 26.36 0.49 -13.17
C VAL D 78 26.32 1.97 -12.75
N VAL D 79 27.18 2.36 -11.80
CA VAL D 79 27.29 3.76 -11.43
C VAL D 79 27.72 4.61 -12.63
N ALA D 80 28.69 4.12 -13.40
CA ALA D 80 29.16 4.87 -14.56
C ALA D 80 28.04 5.06 -15.57
N LYS D 81 27.22 4.04 -15.78
CA LYS D 81 26.20 4.12 -16.81
C LYS D 81 24.96 4.87 -16.35
N TYR D 82 24.47 4.57 -15.15
CA TYR D 82 23.10 4.92 -14.84
C TYR D 82 22.92 5.85 -13.66
N PHE D 83 23.96 6.10 -12.87
CA PHE D 83 23.81 6.84 -11.62
C PHE D 83 23.36 8.28 -11.84
N ASP D 84 23.77 8.90 -12.95
CA ASP D 84 23.43 10.30 -13.21
C ASP D 84 21.96 10.51 -13.51
N ASP D 85 21.35 9.64 -14.32
CA ASP D 85 20.03 9.92 -14.87
C ASP D 85 18.93 9.12 -14.21
N TYR D 86 19.25 8.28 -13.22
CA TYR D 86 18.25 7.38 -12.65
C TYR D 86 18.52 7.22 -11.16
N SER D 87 17.44 7.11 -10.40
CA SER D 87 17.55 6.72 -9.00
C SER D 87 18.35 5.44 -8.90
N CYS D 88 19.27 5.39 -7.94
CA CYS D 88 20.20 4.28 -7.92
C CYS D 88 20.87 4.24 -6.56
N ILE D 89 20.82 3.07 -5.93
CA ILE D 89 21.44 2.85 -4.63
C ILE D 89 22.20 1.55 -4.72
N THR D 90 23.45 1.54 -4.27
CA THR D 90 24.25 0.33 -4.34
C THR D 90 25.25 0.29 -3.20
N TYR D 91 25.48 -0.92 -2.69
CA TYR D 91 26.45 -1.11 -1.62
C TYR D 91 26.81 -2.58 -1.63
N ILE D 92 27.83 -2.93 -0.86
CA ILE D 92 28.32 -4.29 -0.77
C ILE D 92 28.34 -4.69 0.70
N SER D 93 27.99 -5.94 0.98
CA SER D 93 28.10 -6.53 2.29
C SER D 93 28.74 -7.90 2.14
N THR D 94 29.03 -8.54 3.26
CA THR D 94 29.68 -9.84 3.30
C THR D 94 28.71 -10.88 3.85
N VAL D 95 28.84 -12.11 3.38
CA VAL D 95 28.02 -13.24 3.86
C VAL D 95 28.86 -14.51 3.82
N GLU D 96 28.35 -15.55 4.45
CA GLU D 96 29.07 -16.81 4.62
C GLU D 96 28.21 -17.98 4.18
N ALA D 97 28.89 -19.10 3.88
CA ALA D 97 28.24 -20.41 3.74
C ALA D 97 27.43 -20.53 2.46
N LEU D 98 27.94 -19.99 1.36
CA LEU D 98 27.19 -20.03 0.11
C LEU D 98 27.26 -21.43 -0.54
N GLN E 2 33.33 4.95 5.62
CA GLN E 2 33.33 3.91 4.59
C GLN E 2 32.46 2.73 5.00
N GLN E 3 32.10 2.68 6.28
CA GLN E 3 31.15 1.70 6.79
C GLN E 3 29.86 2.42 7.18
N VAL E 4 28.76 1.92 6.62
CA VAL E 4 27.44 2.52 6.74
C VAL E 4 26.55 1.51 7.47
N TRP E 5 25.43 1.99 8.01
CA TRP E 5 24.50 1.12 8.71
C TRP E 5 23.20 0.95 7.91
N LYS E 6 22.69 -0.27 7.88
CA LYS E 6 21.39 -0.59 7.30
C LYS E 6 20.46 -1.01 8.42
N LEU E 7 19.32 -0.35 8.52
CA LEU E 7 18.31 -0.65 9.53
C LEU E 7 17.14 -1.31 8.81
N VAL E 8 16.77 -2.50 9.23
CA VAL E 8 15.63 -3.20 8.68
C VAL E 8 14.48 -3.11 9.67
N ILE E 9 13.29 -2.82 9.16
CA ILE E 9 12.06 -2.83 9.93
C ILE E 9 11.02 -3.59 9.13
N ILE E 10 10.57 -4.72 9.66
CA ILE E 10 9.50 -5.50 9.05
C ILE E 10 8.24 -5.33 9.88
N THR E 11 7.19 -4.81 9.27
CA THR E 11 5.95 -4.54 9.99
C THR E 11 4.75 -4.69 9.06
N GLU E 12 3.57 -4.41 9.61
CA GLU E 12 2.32 -4.58 8.88
C GLU E 12 2.12 -3.43 7.89
N GLU E 13 1.57 -3.77 6.71
CA GLU E 13 1.47 -2.79 5.62
C GLU E 13 0.69 -1.55 6.00
N ILE E 14 -0.36 -1.69 6.84
CA ILE E 14 -1.11 -0.54 7.39
C ILE E 14 -0.19 0.57 7.91
N LEU E 15 1.02 0.23 8.35
CA LEU E 15 1.90 1.20 8.99
C LEU E 15 2.80 1.94 8.02
N LEU E 16 2.62 1.72 6.71
CA LEU E 16 3.50 2.30 5.70
C LEU E 16 3.68 3.80 5.88
N LYS E 17 2.56 4.54 5.90
CA LYS E 17 2.66 6.00 5.98
C LYS E 17 3.21 6.43 7.33
N LYS E 18 2.78 5.78 8.41
CA LYS E 18 3.29 6.17 9.72
C LYS E 18 4.78 5.91 9.84
N VAL E 19 5.26 4.78 9.30
CA VAL E 19 6.68 4.48 9.49
C VAL E 19 7.53 5.25 8.48
N SER E 20 7.00 5.50 7.28
CA SER E 20 7.72 6.35 6.34
C SER E 20 7.95 7.74 6.92
N LYS E 21 6.96 8.29 7.62
CA LYS E 21 7.12 9.62 8.17
C LYS E 21 8.16 9.62 9.29
N ILE E 22 8.11 8.62 10.17
CA ILE E 22 9.13 8.52 11.22
C ILE E 22 10.53 8.50 10.62
N ILE E 23 10.70 7.84 9.48
CA ILE E 23 12.05 7.68 8.95
C ILE E 23 12.55 8.98 8.37
N LYS E 24 11.69 9.69 7.65
CA LYS E 24 12.11 10.87 6.92
C LYS E 24 12.27 12.06 7.87
N GLU E 25 11.30 12.27 8.74
CA GLU E 25 11.42 13.36 9.72
C GLU E 25 12.65 13.18 10.59
N ALA E 26 12.99 11.93 10.94
CA ALA E 26 14.24 11.68 11.65
C ALA E 26 15.44 12.12 10.83
N GLY E 27 15.28 12.30 9.53
CA GLY E 27 16.30 12.91 8.71
C GLY E 27 17.20 11.96 7.95
N ALA E 28 16.87 10.69 7.87
CA ALA E 28 17.60 9.80 6.98
C ALA E 28 17.30 10.20 5.53
N SER E 29 18.27 9.95 4.66
CA SER E 29 18.07 10.32 3.26
C SER E 29 16.85 9.63 2.67
N GLY E 30 16.51 8.45 3.18
CA GLY E 30 15.32 7.76 2.72
C GLY E 30 15.49 6.25 2.89
N TYR E 31 14.59 5.53 2.21
CA TYR E 31 14.39 4.12 2.46
C TYR E 31 14.04 3.40 1.15
N THR E 32 14.16 2.07 1.17
CA THR E 32 13.48 1.24 0.20
C THR E 32 12.53 0.31 0.95
N VAL E 33 11.43 -0.06 0.28
CA VAL E 33 10.36 -0.82 0.89
C VAL E 33 10.06 -2.03 0.01
N LEU E 34 9.97 -3.19 0.62
CA LEU E 34 9.66 -4.44 -0.06
C LEU E 34 8.48 -5.12 0.61
N ALA E 35 7.70 -5.85 -0.18
CA ALA E 35 6.53 -6.56 0.34
C ALA E 35 6.95 -7.90 0.90
N ALA E 36 6.48 -8.21 2.10
CA ALA E 36 6.91 -9.39 2.83
C ALA E 36 5.68 -10.15 3.31
N ALA E 37 5.89 -11.39 3.72
CA ALA E 37 4.88 -12.21 4.37
C ALA E 37 5.51 -12.88 5.58
N GLY E 38 4.68 -13.52 6.41
CA GLY E 38 5.20 -14.08 7.64
C GLY E 38 4.75 -15.48 7.99
N GLU E 39 4.43 -15.68 9.27
CA GLU E 39 4.04 -16.98 9.80
C GLU E 39 2.57 -17.31 9.48
N ALA E 55 -1.73 -12.95 1.30
CA ALA E 55 -0.39 -13.51 1.21
C ALA E 55 0.64 -12.54 1.79
N TYR E 56 0.98 -11.49 1.04
CA TYR E 56 2.03 -10.55 1.45
C TYR E 56 1.40 -9.38 2.23
N SER E 57 1.13 -9.64 3.50
CA SER E 57 0.46 -8.66 4.36
C SER E 57 1.41 -7.74 5.10
N ASN E 58 2.73 -7.86 4.86
CA ASN E 58 3.75 -7.16 5.62
C ASN E 58 4.60 -6.31 4.68
N ILE E 59 5.48 -5.51 5.27
CA ILE E 59 6.38 -4.66 4.52
C ILE E 59 7.73 -4.64 5.22
N LYS E 60 8.79 -4.72 4.42
CA LYS E 60 10.16 -4.66 4.90
C LYS E 60 10.73 -3.31 4.51
N PHE E 61 11.13 -2.53 5.50
CA PHE E 61 11.82 -1.27 5.28
C PHE E 61 13.31 -1.53 5.39
N GLU E 62 14.09 -0.84 4.58
CA GLU E 62 15.54 -0.83 4.72
C GLU E 62 16.01 0.61 4.64
N VAL E 63 16.70 1.06 5.68
CA VAL E 63 17.12 2.45 5.82
C VAL E 63 18.62 2.47 5.99
N LEU E 64 19.29 3.37 5.27
CA LEU E 64 20.73 3.47 5.34
C LEU E 64 21.10 4.78 6.01
N THR E 65 22.11 4.72 6.88
CA THR E 65 22.56 5.85 7.69
C THR E 65 24.06 5.76 7.89
N ALA E 66 24.74 6.90 7.75
CA ALA E 66 26.15 6.94 8.08
C ALA E 66 26.41 6.86 9.59
N SER E 67 25.39 7.04 10.41
CA SER E 67 25.51 7.02 11.87
C SER E 67 24.74 5.85 12.46
N ARG E 68 25.36 5.15 13.42
CA ARG E 68 24.63 4.18 14.22
C ARG E 68 23.63 4.87 15.15
N GLU E 69 23.80 6.17 15.36
CA GLU E 69 22.88 6.91 16.22
C GLU E 69 21.56 7.16 15.53
N LEU E 70 21.60 7.62 14.28
CA LEU E 70 20.36 7.83 13.53
C LEU E 70 19.54 6.55 13.45
N ALA E 71 20.20 5.42 13.19
CA ALA E 71 19.50 4.15 13.12
C ALA E 71 18.78 3.85 14.43
N ASP E 72 19.54 3.73 15.53
CA ASP E 72 18.94 3.41 16.82
C ASP E 72 17.80 4.36 17.16
N GLN E 73 18.00 5.66 16.92
CA GLN E 73 16.93 6.64 17.12
C GLN E 73 15.68 6.31 16.32
N ILE E 74 15.84 5.91 15.04
CA ILE E 74 14.67 5.52 14.26
C ILE E 74 14.06 4.24 14.83
N GLN E 75 14.92 3.26 15.15
CA GLN E 75 14.42 2.00 15.68
C GLN E 75 13.71 2.20 17.02
N ASP E 76 14.28 3.03 17.90
CA ASP E 76 13.65 3.30 19.20
C ASP E 76 12.26 3.89 19.04
N LYS E 77 12.13 4.87 18.13
CA LYS E 77 10.85 5.49 17.86
C LYS E 77 9.81 4.48 17.36
N VAL E 78 10.21 3.58 16.46
CA VAL E 78 9.22 2.67 15.89
C VAL E 78 8.82 1.62 16.91
N VAL E 79 9.79 1.13 17.69
CA VAL E 79 9.49 0.15 18.73
C VAL E 79 8.52 0.76 19.76
N ALA E 80 8.81 1.98 20.20
CA ALA E 80 7.97 2.61 21.22
C ALA E 80 6.53 2.72 20.76
N LYS E 81 6.32 3.02 19.48
CA LYS E 81 4.98 3.32 19.01
C LYS E 81 4.19 2.10 18.58
N TYR E 82 4.85 1.05 18.07
CA TYR E 82 4.11 -0.01 17.40
C TYR E 82 4.50 -1.43 17.82
N PHE E 83 5.59 -1.61 18.57
CA PHE E 83 6.01 -2.97 18.94
C PHE E 83 4.94 -3.68 19.76
N ASP E 84 4.16 -2.94 20.55
CA ASP E 84 3.17 -3.55 21.43
C ASP E 84 1.99 -4.12 20.65
N ASP E 85 1.52 -3.38 19.66
CA ASP E 85 0.23 -3.67 19.04
C ASP E 85 0.33 -4.39 17.71
N TYR E 86 1.42 -4.19 16.97
CA TYR E 86 1.61 -4.79 15.66
C TYR E 86 2.84 -5.68 15.71
N SER E 87 2.79 -6.79 14.96
CA SER E 87 3.96 -7.64 14.86
C SER E 87 5.04 -6.91 14.08
N CYS E 88 6.27 -6.94 14.60
CA CYS E 88 7.35 -6.22 13.95
C CYS E 88 8.67 -6.84 14.37
N ILE E 89 9.57 -7.03 13.41
CA ILE E 89 10.95 -7.39 13.69
C ILE E 89 11.83 -6.27 13.13
N THR E 90 12.83 -5.88 13.90
CA THR E 90 13.75 -4.84 13.47
C THR E 90 15.16 -5.23 13.89
N TYR E 91 16.13 -4.90 13.05
CA TYR E 91 17.53 -5.16 13.36
C TYR E 91 18.39 -4.20 12.56
N ILE E 92 19.69 -4.27 12.82
CA ILE E 92 20.69 -3.42 12.19
C ILE E 92 21.82 -4.30 11.65
N SER E 93 22.38 -3.90 10.49
CA SER E 93 23.58 -4.54 9.97
C SER E 93 24.47 -3.47 9.37
N THR E 94 25.66 -3.87 8.95
CA THR E 94 26.64 -2.96 8.34
C THR E 94 26.82 -3.30 6.86
N VAL E 95 27.08 -2.26 6.05
CA VAL E 95 27.29 -2.40 4.61
C VAL E 95 28.46 -1.50 4.19
N GLU E 96 29.04 -1.83 3.04
CA GLU E 96 30.25 -1.21 2.50
C GLU E 96 29.96 -0.58 1.14
N ALA E 97 30.89 0.27 0.69
CA ALA E 97 30.96 0.72 -0.71
C ALA E 97 29.64 1.30 -1.21
N LEU E 98 29.10 2.27 -0.48
CA LEU E 98 27.76 2.78 -0.78
C LEU E 98 27.81 4.00 -1.69
N ARG E 99 26.90 4.04 -2.67
CA ARG E 99 26.76 5.17 -3.60
C ARG E 99 25.28 5.26 -3.95
N ALA E 100 24.60 6.30 -3.47
CA ALA E 100 23.15 6.44 -3.60
C ALA E 100 22.75 7.66 -4.43
N HIS E 101 21.71 7.47 -5.23
CA HIS E 101 21.05 8.52 -6.02
C HIS E 101 21.95 9.29 -6.97
N GLN F 2 25.06 -8.06 20.80
CA GLN F 2 23.70 -8.47 20.48
C GLN F 2 23.64 -9.28 19.19
N GLN F 3 24.72 -10.03 18.91
CA GLN F 3 24.93 -10.64 17.59
C GLN F 3 23.94 -11.78 17.33
N VAL F 4 23.14 -11.64 16.28
CA VAL F 4 22.20 -12.65 15.84
C VAL F 4 22.61 -13.07 14.44
N TRP F 5 22.26 -14.29 14.07
CA TRP F 5 22.52 -14.80 12.73
C TRP F 5 21.26 -14.69 11.88
N LYS F 6 21.47 -14.42 10.59
CA LYS F 6 20.38 -14.37 9.62
C LYS F 6 20.70 -15.36 8.52
N LEU F 7 19.81 -16.33 8.32
CA LEU F 7 19.95 -17.32 7.28
C LEU F 7 19.02 -16.96 6.13
N VAL F 8 19.56 -16.93 4.92
CA VAL F 8 18.82 -16.56 3.72
C VAL F 8 18.74 -17.78 2.82
N ILE F 9 17.55 -18.08 2.33
CA ILE F 9 17.35 -19.18 1.41
C ILE F 9 16.46 -18.68 0.29
N ILE F 10 16.97 -18.73 -0.92
CA ILE F 10 16.21 -18.40 -2.11
C ILE F 10 15.89 -19.71 -2.80
N THR F 11 14.65 -19.89 -3.23
CA THR F 11 14.23 -21.16 -3.80
C THR F 11 12.99 -20.96 -4.67
N GLU F 12 12.61 -22.02 -5.38
CA GLU F 12 11.44 -21.97 -6.26
C GLU F 12 10.16 -21.90 -5.43
N GLU F 13 9.13 -21.28 -6.01
CA GLU F 13 7.94 -20.94 -5.24
C GLU F 13 7.26 -22.18 -4.64
N ILE F 14 7.24 -23.30 -5.37
CA ILE F 14 6.41 -24.43 -4.97
C ILE F 14 6.85 -25.03 -3.64
N LEU F 15 8.10 -24.79 -3.23
CA LEU F 15 8.54 -25.34 -1.96
C LEU F 15 8.14 -24.51 -0.75
N LEU F 16 7.35 -23.44 -0.92
CA LEU F 16 7.00 -22.55 0.18
C LEU F 16 6.71 -23.34 1.45
N LYS F 17 5.66 -24.15 1.40
CA LYS F 17 5.26 -24.95 2.56
C LYS F 17 6.43 -25.75 3.10
N LYS F 18 7.02 -26.63 2.29
CA LYS F 18 8.05 -27.54 2.76
C LYS F 18 9.13 -26.83 3.56
N VAL F 19 9.78 -25.80 2.95
CA VAL F 19 10.85 -25.12 3.66
C VAL F 19 10.31 -24.43 4.91
N SER F 20 9.11 -23.85 4.81
CA SER F 20 8.52 -23.20 5.99
C SER F 20 8.28 -24.23 7.08
N LYS F 21 7.97 -25.47 6.71
CA LYS F 21 7.78 -26.53 7.72
C LYS F 21 9.11 -26.92 8.35
N ILE F 22 10.18 -27.01 7.55
CA ILE F 22 11.53 -27.26 8.07
C ILE F 22 11.93 -26.17 9.08
N ILE F 23 11.34 -25.00 8.95
CA ILE F 23 11.63 -23.91 9.89
C ILE F 23 10.61 -23.87 11.02
N LYS F 24 9.41 -24.42 10.83
CA LYS F 24 8.55 -24.76 11.97
C LYS F 24 9.28 -25.73 12.90
N GLU F 25 9.74 -26.86 12.34
CA GLU F 25 10.50 -27.82 13.14
C GLU F 25 11.60 -27.14 13.95
N ALA F 26 12.48 -26.38 13.28
CA ALA F 26 13.58 -25.75 13.96
C ALA F 26 13.12 -24.75 15.03
N GLY F 27 14.03 -24.46 15.95
CA GLY F 27 13.79 -23.52 17.02
C GLY F 27 13.73 -22.06 16.58
N ALA F 28 13.32 -21.81 15.34
CA ALA F 28 13.21 -20.46 14.82
C ALA F 28 11.92 -19.80 15.32
N SER F 29 12.04 -18.54 15.73
CA SER F 29 10.92 -17.81 16.29
C SER F 29 10.64 -16.50 15.53
N GLY F 30 11.20 -16.35 14.33
CA GLY F 30 10.97 -15.16 13.53
C GLY F 30 11.56 -15.28 12.14
N TYR F 31 10.75 -15.03 11.11
CA TYR F 31 11.19 -15.22 9.73
C TYR F 31 10.27 -14.45 8.78
N THR F 32 10.77 -14.27 7.56
CA THR F 32 10.18 -13.39 6.56
C THR F 32 10.31 -14.07 5.21
N VAL F 33 9.38 -13.76 4.31
CA VAL F 33 9.41 -14.32 2.97
C VAL F 33 9.10 -13.23 1.95
N LEU F 34 9.95 -13.10 0.93
CA LEU F 34 9.76 -12.10 -0.12
C LEU F 34 9.69 -12.76 -1.48
N ALA F 35 8.93 -12.18 -2.39
CA ALA F 35 8.82 -12.72 -3.74
C ALA F 35 10.11 -12.34 -4.44
N ALA F 36 10.57 -13.18 -5.36
CA ALA F 36 11.84 -12.91 -6.04
C ALA F 36 11.89 -13.61 -7.38
N ALA F 37 12.61 -12.99 -8.33
CA ALA F 37 12.70 -13.51 -9.68
C ALA F 37 14.08 -13.20 -10.24
N GLY F 38 14.92 -14.22 -10.37
CA GLY F 38 16.23 -14.01 -10.98
C GLY F 38 16.66 -15.17 -11.86
N GLU F 39 17.60 -14.87 -12.75
CA GLU F 39 18.27 -15.90 -13.54
C GLU F 39 19.55 -16.36 -12.84
N ALA F 55 6.41 -13.07 -13.28
CA ALA F 55 7.80 -13.42 -13.48
C ALA F 55 8.48 -13.82 -12.17
N TYR F 56 7.90 -13.37 -11.05
CA TYR F 56 8.49 -13.57 -9.73
C TYR F 56 8.13 -14.95 -9.21
N SER F 57 8.87 -15.95 -9.71
CA SER F 57 8.57 -17.36 -9.49
C SER F 57 9.39 -17.98 -8.36
N ASN F 58 10.19 -17.20 -7.65
CA ASN F 58 10.99 -17.71 -6.55
C ASN F 58 10.63 -16.99 -5.26
N ILE F 59 11.20 -17.46 -4.16
CA ILE F 59 10.88 -16.95 -2.83
C ILE F 59 12.16 -16.85 -2.01
N LYS F 60 12.33 -15.72 -1.32
CA LYS F 60 13.48 -15.51 -0.46
C LYS F 60 13.03 -15.69 0.97
N PHE F 61 13.63 -16.65 1.67
CA PHE F 61 13.45 -16.81 3.10
C PHE F 61 14.53 -16.04 3.83
N GLU F 62 14.15 -15.37 4.92
CA GLU F 62 15.10 -14.78 5.85
C GLU F 62 14.74 -15.24 7.24
N VAL F 63 15.65 -15.97 7.88
CA VAL F 63 15.41 -16.60 9.17
C VAL F 63 16.42 -16.04 10.15
N LEU F 64 15.95 -15.68 11.34
CA LEU F 64 16.79 -15.11 12.38
C LEU F 64 16.93 -16.15 13.49
N THR F 65 18.17 -16.47 13.85
CA THR F 65 18.45 -17.48 14.87
C THR F 65 19.50 -16.93 15.83
N ALA F 66 19.32 -17.26 17.12
CA ALA F 66 20.26 -16.84 18.16
C ALA F 66 21.52 -17.70 18.19
N SER F 67 21.48 -18.91 17.64
CA SER F 67 22.64 -19.78 17.56
C SER F 67 23.06 -19.94 16.11
N ARG F 68 24.35 -20.10 15.87
CA ARG F 68 24.74 -20.38 14.49
C ARG F 68 24.51 -21.84 14.12
N GLU F 69 24.48 -22.73 15.11
CA GLU F 69 24.04 -24.10 14.84
C GLU F 69 22.64 -24.11 14.26
N LEU F 70 21.68 -23.47 14.95
CA LEU F 70 20.29 -23.51 14.52
C LEU F 70 20.20 -23.14 13.04
N ALA F 71 20.84 -22.05 12.66
CA ALA F 71 20.92 -21.69 11.25
C ALA F 71 21.54 -22.80 10.42
N ASP F 72 22.65 -23.37 10.89
CA ASP F 72 23.35 -24.35 10.07
C ASP F 72 22.55 -25.63 9.90
N GLN F 73 21.81 -26.04 10.93
CA GLN F 73 20.97 -27.23 10.79
C GLN F 73 19.97 -27.08 9.66
N ILE F 74 19.24 -25.95 9.64
CA ILE F 74 18.24 -25.73 8.60
C ILE F 74 18.89 -25.68 7.24
N GLN F 75 20.01 -24.95 7.14
CA GLN F 75 20.74 -24.88 5.88
C GLN F 75 20.98 -26.28 5.34
N ASP F 76 21.34 -27.23 6.22
CA ASP F 76 21.61 -28.61 5.79
C ASP F 76 20.35 -29.26 5.22
N LYS F 77 19.27 -29.30 6.01
CA LYS F 77 18.08 -30.04 5.61
C LYS F 77 17.47 -29.55 4.30
N VAL F 78 17.78 -28.33 3.87
CA VAL F 78 17.14 -27.74 2.70
C VAL F 78 17.96 -27.96 1.43
N VAL F 79 19.29 -27.81 1.52
CA VAL F 79 20.13 -28.08 0.36
C VAL F 79 20.22 -29.58 0.10
N ALA F 80 20.36 -30.37 1.16
CA ALA F 80 20.53 -31.81 1.02
C ALA F 80 19.39 -32.43 0.20
N LYS F 81 18.21 -31.85 0.36
CA LYS F 81 16.99 -32.33 -0.27
C LYS F 81 16.41 -31.54 -1.46
N TYR F 82 16.98 -30.41 -1.84
CA TYR F 82 16.38 -29.71 -2.96
C TYR F 82 17.37 -28.97 -3.86
N PHE F 83 18.67 -28.94 -3.52
CA PHE F 83 19.63 -28.25 -4.39
C PHE F 83 19.76 -28.96 -5.74
N ASP F 84 19.72 -30.29 -5.73
CA ASP F 84 20.01 -31.04 -6.96
C ASP F 84 18.95 -30.77 -8.03
N ASP F 85 17.67 -30.77 -7.64
CA ASP F 85 16.57 -30.54 -8.58
C ASP F 85 16.25 -29.06 -8.79
N TYR F 86 16.19 -28.29 -7.70
CA TYR F 86 15.71 -26.92 -7.75
C TYR F 86 16.86 -25.93 -7.71
N SER F 87 16.56 -24.70 -8.09
CA SER F 87 17.49 -23.58 -7.94
C SER F 87 17.43 -23.09 -6.50
N CYS F 88 18.54 -23.17 -5.76
CA CYS F 88 18.51 -22.99 -4.30
C CYS F 88 19.80 -22.35 -3.83
N ILE F 89 19.74 -21.04 -3.55
CA ILE F 89 20.82 -20.26 -2.94
C ILE F 89 20.59 -20.19 -1.44
N THR F 90 21.67 -20.28 -0.66
CA THR F 90 21.59 -20.09 0.77
C THR F 90 22.91 -19.46 1.24
N TYR F 91 22.82 -18.71 2.33
CA TYR F 91 24.00 -18.08 2.92
C TYR F 91 23.56 -17.54 4.28
N ILE F 92 24.52 -17.00 5.03
CA ILE F 92 24.30 -16.59 6.41
C ILE F 92 25.09 -15.33 6.67
N SER F 93 24.51 -14.40 7.44
CA SER F 93 25.23 -13.20 7.85
C SER F 93 24.86 -12.93 9.29
N THR F 94 25.44 -11.87 9.85
CA THR F 94 25.13 -11.46 11.21
C THR F 94 24.45 -10.09 11.21
N VAL F 95 23.53 -9.92 12.16
CA VAL F 95 22.86 -8.67 12.42
C VAL F 95 22.92 -8.43 13.93
N GLU F 96 22.56 -7.21 14.34
CA GLU F 96 22.56 -6.89 15.75
C GLU F 96 21.35 -5.99 16.07
N ALA F 97 21.20 -5.67 17.35
CA ALA F 97 20.11 -4.82 17.85
C ALA F 97 18.74 -5.39 17.45
N LEU F 98 18.57 -6.70 17.60
CA LEU F 98 17.35 -7.37 17.19
C LEU F 98 16.23 -7.21 18.23
N ARG F 99 15.01 -6.99 17.73
CA ARG F 99 13.79 -6.91 18.53
C ARG F 99 12.68 -7.53 17.69
N ALA F 100 11.82 -8.33 18.33
CA ALA F 100 10.85 -9.09 17.55
C ALA F 100 9.56 -9.27 18.36
N HIS F 101 8.45 -9.36 17.63
CA HIS F 101 7.10 -9.41 18.21
C HIS F 101 6.12 -10.00 17.20
#